data_2INR
#
_entry.id   2INR
#
_cell.length_a   41.458
_cell.length_b   171.885
_cell.length_c   87.892
_cell.angle_alpha   90.00
_cell.angle_beta   90.00
_cell.angle_gamma   90.00
#
_symmetry.space_group_name_H-M   'P 21 21 2'
#
loop_
_entity.id
_entity.type
_entity.pdbx_description
1 polymer 'DNA topoisomerase 4 subunit A'
2 non-polymer 1,2-ETHANEDIOL
3 water water
#
_entity_poly.entity_id   1
_entity_poly.type   'polypeptide(L)'
_entity_poly.pdbx_seq_one_letter_code
;MGSSHHHHHHSSGLVPRGSHMLEVSEIIQDLSLEDVLGDRFGRYSKYIIQERALPDVRDGLKPVQRRILYAMYSSGNTHD
KNFRKSAKTVGDVIGQYHPHGDSSVYEAMVRLSQDWKLRHVLIEMHGNNGSIDNDPPAAMRYTEAKLSLLAEELLRDINK
ETVSFIPNYDDTTLEPMVLPSRFPNLLVNGSTGISAGYATDIPPHNLAEVIQATLKYIDNPDITVNQLMKYIKGPDFPTG
GIIQGIDGIKKAYESGKGRIIVRSKVEEETLRNGRKQLIITEIPYEVNKSSLVKRIDELRADKKVDGIVEVRDETDRTGL
RIAIELKKDVNSESIKNYLYKNSDLQISYNFNMVAISDGRPKLMGIRQIIDSYLNHQIEVVANRTKFELDNAEKRMHIVE
GLIKALSILDKVIELIRSSKNKRDAKENLIEVYEFTEEQAEAIVMLQLYRLTNTDIVALEGEHKELEALIKQLRHILDNH
DALLNVIKEELNEIKKKFKSERLSLIEAEIEEIK
;
_entity_poly.pdbx_strand_id   A
#
loop_
_chem_comp.id
_chem_comp.type
_chem_comp.name
_chem_comp.formula
EDO non-polymer 1,2-ETHANEDIOL 'C2 H6 O2'
#
# COMPACT_ATOMS: atom_id res chain seq x y z
N ALA A 53 6.28 -9.43 -16.09
CA ALA A 53 5.81 -8.34 -15.17
C ALA A 53 4.86 -8.89 -14.09
N LEU A 54 5.40 -9.16 -12.90
CA LEU A 54 4.65 -9.79 -11.80
C LEU A 54 4.88 -9.08 -10.46
N PRO A 55 3.87 -9.06 -9.56
CA PRO A 55 4.01 -8.30 -8.34
C PRO A 55 4.81 -9.03 -7.28
N ASP A 56 5.43 -8.26 -6.40
CA ASP A 56 6.13 -8.81 -5.28
C ASP A 56 5.10 -9.13 -4.20
N VAL A 57 5.19 -10.30 -3.58
CA VAL A 57 4.22 -10.71 -2.55
C VAL A 57 4.13 -9.71 -1.41
N ARG A 58 5.22 -9.01 -1.13
CA ARG A 58 5.31 -8.22 0.10
C ARG A 58 4.51 -6.92 0.03
N ASP A 59 4.61 -6.21 -1.10
CA ASP A 59 3.94 -4.91 -1.27
C ASP A 59 2.95 -4.93 -2.45
N GLY A 60 2.78 -6.08 -3.10
CA GLY A 60 1.80 -6.26 -4.16
C GLY A 60 2.04 -5.47 -5.44
N LEU A 61 3.23 -4.89 -5.55
CA LEU A 61 3.51 -3.99 -6.69
C LEU A 61 4.34 -4.60 -7.80
N LYS A 62 4.12 -4.14 -9.03
CA LYS A 62 5.02 -4.41 -10.15
C LYS A 62 6.04 -3.27 -10.16
N PRO A 63 7.22 -3.44 -10.81
CA PRO A 63 8.22 -2.35 -10.79
C PRO A 63 7.76 -1.01 -11.41
N VAL A 64 7.00 -1.04 -12.51
CA VAL A 64 6.27 0.16 -12.95
C VAL A 64 5.58 0.91 -11.81
N GLN A 65 4.75 0.20 -11.05
CA GLN A 65 3.89 0.81 -10.03
C GLN A 65 4.69 1.35 -8.85
N ARG A 66 5.58 0.52 -8.31
CA ARG A 66 6.46 0.91 -7.20
C ARG A 66 7.23 2.18 -7.54
N ARG A 67 7.80 2.21 -8.75
CA ARG A 67 8.53 3.38 -9.22
C ARG A 67 7.72 4.67 -9.24
N ILE A 68 6.43 4.55 -9.61
CA ILE A 68 5.54 5.70 -9.75
C ILE A 68 5.18 6.27 -8.36
N LEU A 69 4.83 5.41 -7.42
CA LEU A 69 4.46 5.85 -6.08
C LEU A 69 5.67 6.44 -5.35
N TYR A 70 6.83 5.81 -5.50
CA TYR A 70 8.02 6.35 -4.89
C TYR A 70 8.37 7.75 -5.41
N ALA A 71 8.32 7.92 -6.72
CA ALA A 71 8.62 9.23 -7.32
C ALA A 71 7.62 10.26 -6.77
N MET A 72 6.37 9.84 -6.62
CA MET A 72 5.33 10.71 -6.09
C MET A 72 5.63 11.07 -4.66
N TYR A 73 6.10 10.07 -3.91
CA TYR A 73 6.43 10.25 -2.51
C TYR A 73 7.56 11.24 -2.25
N SER A 74 8.57 11.20 -3.11
CA SER A 74 9.79 11.92 -2.87
C SER A 74 9.67 13.33 -3.40
N SER A 75 8.82 13.50 -4.41
CA SER A 75 8.38 14.83 -4.87
C SER A 75 7.52 15.54 -3.82
N GLY A 76 6.99 14.78 -2.85
CA GLY A 76 6.08 15.33 -1.84
C GLY A 76 4.67 15.49 -2.39
N ASN A 77 4.35 14.69 -3.41
CA ASN A 77 3.05 14.66 -4.04
C ASN A 77 2.12 13.81 -3.18
N THR A 78 2.01 14.20 -1.91
CA THR A 78 1.23 13.50 -0.90
C THR A 78 -0.21 14.01 -0.90
N HIS A 79 -1.06 13.40 -0.07
CA HIS A 79 -2.50 13.72 0.00
C HIS A 79 -2.78 15.13 0.54
N ASP A 80 -2.07 15.53 1.60
CA ASP A 80 -2.35 16.78 2.31
C ASP A 80 -2.04 18.05 1.51
N LYS A 81 -1.22 17.90 0.47
CA LYS A 81 -0.81 19.00 -0.40
C LYS A 81 -1.59 18.98 -1.71
N ASN A 82 -1.51 20.06 -2.47
CA ASN A 82 -2.28 20.24 -3.70
C ASN A 82 -2.03 19.16 -4.76
N PHE A 83 -3.05 18.80 -5.53
CA PHE A 83 -2.89 17.99 -6.75
C PHE A 83 -1.76 18.54 -7.61
N ARG A 84 -1.05 17.67 -8.33
CA ARG A 84 0.04 18.06 -9.24
C ARG A 84 -0.16 17.47 -10.63
N LYS A 85 0.23 18.21 -11.65
CA LYS A 85 0.12 17.73 -13.01
C LYS A 85 0.68 16.32 -13.16
N SER A 86 0.04 15.54 -14.01
CA SER A 86 0.48 14.15 -14.20
C SER A 86 1.84 14.03 -14.88
N ALA A 87 2.10 14.92 -15.84
CA ALA A 87 3.39 14.94 -16.53
C ALA A 87 4.56 15.09 -15.56
N LYS A 88 4.38 15.94 -14.55
CA LYS A 88 5.40 16.21 -13.55
C LYS A 88 5.91 14.94 -12.91
N THR A 89 4.98 14.07 -12.54
CA THR A 89 5.28 12.76 -11.96
C THR A 89 5.74 11.78 -13.04
N VAL A 90 5.09 11.80 -14.20
CA VAL A 90 5.45 10.87 -15.26
C VAL A 90 6.89 11.11 -15.70
N GLY A 91 7.23 12.38 -15.95
CA GLY A 91 8.57 12.78 -16.39
C GLY A 91 9.70 12.50 -15.43
N ASP A 92 9.37 12.05 -14.23
CA ASP A 92 10.38 11.61 -13.26
C ASP A 92 10.64 10.13 -13.38
N VAL A 93 9.68 9.43 -13.97
CA VAL A 93 9.72 7.96 -14.03
C VAL A 93 10.49 7.45 -15.25
N ILE A 94 10.15 7.94 -16.43
CA ILE A 94 10.88 7.57 -17.62
C ILE A 94 12.33 8.07 -17.45
N GLY A 95 12.46 9.21 -16.77
CA GLY A 95 13.72 9.91 -16.62
C GLY A 95 14.66 9.36 -15.57
N GLN A 96 14.11 8.75 -14.52
CA GLN A 96 14.92 8.28 -13.41
C GLN A 96 14.80 6.80 -13.07
N TYR A 97 13.75 6.14 -13.53
CA TYR A 97 13.59 4.75 -13.12
C TYR A 97 13.23 3.77 -14.24
N HIS A 98 12.23 4.07 -15.06
CA HIS A 98 11.74 3.14 -16.07
C HIS A 98 12.28 3.36 -17.49
N PRO A 99 13.06 2.40 -18.03
CA PRO A 99 13.56 2.49 -19.42
C PRO A 99 12.71 1.71 -20.43
N SER A 103 4.11 6.85 -21.89
CA SER A 103 3.01 6.04 -22.41
C SER A 103 2.63 4.97 -21.40
N SER A 104 3.43 3.90 -21.32
CA SER A 104 3.12 2.76 -20.44
C SER A 104 3.29 3.11 -18.96
N VAL A 105 4.08 4.16 -18.70
CA VAL A 105 4.19 4.76 -17.38
C VAL A 105 2.85 5.42 -17.03
N TYR A 106 2.28 6.15 -17.99
CA TYR A 106 1.03 6.86 -17.80
C TYR A 106 -0.15 5.89 -17.76
N GLU A 107 -0.11 4.87 -18.61
CA GLU A 107 -1.12 3.82 -18.60
C GLU A 107 -1.17 3.06 -17.28
N ALA A 108 -0.03 2.97 -16.60
CA ALA A 108 0.00 2.34 -15.28
C ALA A 108 -0.41 3.30 -14.16
N MET A 109 0.07 4.54 -14.27
CA MET A 109 -0.22 5.53 -13.29
C MET A 109 -1.75 5.71 -13.27
N VAL A 110 -2.33 5.75 -14.46
CA VAL A 110 -3.77 5.83 -14.61
C VAL A 110 -4.41 4.60 -14.00
N ARG A 111 -3.91 3.41 -14.33
CA ARG A 111 -4.65 2.25 -13.87
C ARG A 111 -4.76 2.23 -12.35
N LEU A 112 -3.76 2.80 -11.66
CA LEU A 112 -3.74 2.79 -10.20
C LEU A 112 -4.75 3.77 -9.61
N SER A 113 -5.32 4.59 -10.49
CA SER A 113 -6.23 5.62 -10.06
C SER A 113 -7.70 5.27 -10.34
N GLN A 114 -7.98 4.00 -10.62
CA GLN A 114 -9.34 3.61 -11.02
C GLN A 114 -10.15 2.88 -9.96
N ASP A 115 -11.30 3.49 -9.59
CA ASP A 115 -12.34 3.01 -8.63
C ASP A 115 -12.79 1.59 -8.89
N TRP A 116 -12.87 1.25 -10.18
CA TRP A 116 -13.50 0.03 -10.64
C TRP A 116 -12.52 -1.13 -10.86
N LYS A 117 -11.23 -0.85 -10.70
CA LYS A 117 -10.20 -1.85 -10.88
C LYS A 117 -9.53 -2.19 -9.56
N LEU A 118 -9.26 -1.18 -8.75
CA LEU A 118 -8.68 -1.43 -7.43
C LEU A 118 -9.73 -1.26 -6.35
N ARG A 119 -9.67 -2.06 -5.30
CA ARG A 119 -10.56 -1.88 -4.16
C ARG A 119 -10.31 -0.54 -3.43
N HIS A 120 -9.07 -0.08 -3.46
CA HIS A 120 -8.68 1.15 -2.84
C HIS A 120 -7.62 1.80 -3.73
N VAL A 121 -7.95 2.94 -4.33
CA VAL A 121 -7.05 3.55 -5.28
C VAL A 121 -5.76 3.92 -4.57
N LEU A 122 -4.64 3.91 -5.28
CA LEU A 122 -3.38 4.31 -4.67
C LEU A 122 -3.01 5.69 -5.14
N ILE A 123 -3.58 6.08 -6.27
CA ILE A 123 -3.48 7.44 -6.79
C ILE A 123 -4.88 8.08 -6.88
N GLU A 124 -5.01 9.30 -6.38
CA GLU A 124 -6.24 10.10 -6.56
C GLU A 124 -5.99 10.95 -7.78
N MET A 125 -6.76 10.71 -8.84
CA MET A 125 -6.59 11.48 -10.06
C MET A 125 -7.77 12.41 -10.33
N HIS A 126 -7.47 13.63 -10.75
CA HIS A 126 -8.49 14.60 -11.10
C HIS A 126 -8.35 14.92 -12.60
N GLY A 127 -9.47 14.78 -13.32
CA GLY A 127 -9.50 14.84 -14.78
C GLY A 127 -10.02 13.51 -15.31
N ASN A 128 -10.28 13.45 -16.60
CA ASN A 128 -10.73 12.22 -17.24
C ASN A 128 -9.69 11.11 -17.10
N ASN A 129 -9.93 10.17 -16.18
CA ASN A 129 -9.00 9.07 -15.94
C ASN A 129 -9.46 7.74 -16.54
N GLY A 130 -10.18 7.83 -17.65
CA GLY A 130 -10.76 6.65 -18.28
C GLY A 130 -12.13 6.34 -17.69
N SER A 131 -12.60 5.13 -17.96
CA SER A 131 -13.98 4.76 -17.70
C SER A 131 -14.14 3.26 -17.70
N ILE A 132 -15.26 2.81 -17.13
CA ILE A 132 -15.60 1.39 -17.11
C ILE A 132 -15.91 0.89 -18.52
N ASP A 133 -15.97 1.82 -19.47
CA ASP A 133 -16.16 1.52 -20.89
C ASP A 133 -14.83 1.51 -21.64
N ASN A 134 -13.71 1.56 -20.89
CA ASN A 134 -12.36 1.56 -21.44
C ASN A 134 -12.13 2.76 -22.38
N ASP A 135 -12.60 3.93 -21.94
CA ASP A 135 -12.37 5.16 -22.65
C ASP A 135 -10.93 5.60 -22.45
N PRO A 136 -10.32 6.17 -23.49
CA PRO A 136 -8.96 6.66 -23.28
C PRO A 136 -8.99 7.79 -22.25
N PRO A 137 -7.96 7.88 -21.38
CA PRO A 137 -7.91 9.02 -20.48
C PRO A 137 -7.39 10.28 -21.17
N ALA A 138 -7.46 11.42 -20.47
CA ALA A 138 -6.86 12.68 -20.94
C ALA A 138 -5.33 12.59 -21.00
N ALA A 139 -4.71 13.59 -21.65
CA ALA A 139 -3.26 13.70 -21.69
C ALA A 139 -2.74 14.27 -20.37
N MET A 140 -1.56 13.83 -19.96
CA MET A 140 -0.97 14.17 -18.66
C MET A 140 -0.88 15.67 -18.27
N ARG A 141 -1.08 16.57 -19.24
CA ARG A 141 -1.05 18.04 -19.00
C ARG A 141 -2.32 18.67 -18.37
N TYR A 142 -3.48 18.06 -18.62
CA TYR A 142 -4.74 18.52 -18.02
C TYR A 142 -4.99 17.78 -16.71
N THR A 143 -4.60 16.51 -16.70
CA THR A 143 -4.83 15.59 -15.59
C THR A 143 -3.92 15.85 -14.37
N GLU A 144 -4.51 15.97 -13.19
CA GLU A 144 -3.78 16.16 -11.93
C GLU A 144 -3.86 14.90 -11.06
N ALA A 145 -2.86 14.69 -10.21
CA ALA A 145 -2.86 13.54 -9.32
C ALA A 145 -2.10 13.75 -8.03
N LYS A 146 -2.33 12.87 -7.07
CA LYS A 146 -1.57 12.79 -5.82
C LYS A 146 -1.82 11.44 -5.17
N LEU A 147 -1.04 11.10 -4.14
CA LEU A 147 -1.20 9.84 -3.42
C LEU A 147 -2.47 9.75 -2.54
N SER A 148 -3.06 8.56 -2.46
CA SER A 148 -4.02 8.23 -1.41
C SER A 148 -3.41 8.36 -0.03
N LEU A 149 -4.27 8.55 0.96
CA LEU A 149 -3.90 8.34 2.36
C LEU A 149 -3.42 6.90 2.53
N LEU A 150 -3.99 6.02 1.73
CA LEU A 150 -3.68 4.61 1.85
C LEU A 150 -2.38 4.23 1.17
N ALA A 151 -2.04 4.88 0.06
CA ALA A 151 -0.77 4.60 -0.58
C ALA A 151 0.34 5.06 0.33
N GLU A 152 0.07 6.08 1.13
CA GLU A 152 1.05 6.61 2.07
C GLU A 152 1.39 5.61 3.15
N GLU A 153 0.50 4.65 3.38
CA GLU A 153 0.78 3.60 4.34
C GLU A 153 1.73 2.61 3.73
N LEU A 154 1.64 2.40 2.42
CA LEU A 154 2.64 1.56 1.73
C LEU A 154 4.05 2.12 1.88
N LEU A 155 4.14 3.43 1.86
CA LEU A 155 5.40 4.11 1.85
C LEU A 155 5.82 4.54 3.24
N ARG A 156 4.97 4.29 4.21
CA ARG A 156 5.22 4.74 5.57
C ARG A 156 6.54 4.12 6.01
N ASP A 157 7.38 4.90 6.67
CA ASP A 157 8.61 4.38 7.26
C ASP A 157 9.73 4.10 6.25
N ILE A 158 9.53 4.43 4.98
CA ILE A 158 10.55 4.19 3.96
C ILE A 158 11.82 5.03 4.22
N ASN A 159 11.66 6.07 5.03
CA ASN A 159 12.68 7.09 5.29
C ASN A 159 13.47 6.71 6.53
N LYS A 160 13.54 5.41 6.79
CA LYS A 160 13.96 4.88 8.08
C LYS A 160 14.73 3.55 7.93
N GLU A 161 15.52 3.43 6.88
CA GLU A 161 16.34 2.24 6.62
C GLU A 161 15.59 0.94 6.91
N THR A 162 14.45 0.79 6.25
CA THR A 162 13.60 -0.40 6.42
C THR A 162 13.66 -1.36 5.24
N VAL A 163 13.81 -0.82 4.05
CA VAL A 163 13.79 -1.62 2.86
C VAL A 163 15.06 -1.39 2.04
N SER A 164 15.48 -2.41 1.30
CA SER A 164 16.68 -2.30 0.52
C SER A 164 16.56 -1.31 -0.63
N PHE A 165 17.62 -0.53 -0.79
CA PHE A 165 17.73 0.41 -1.89
C PHE A 165 18.85 -0.02 -2.82
N ILE A 166 18.66 0.26 -4.09
CA ILE A 166 19.41 -0.33 -5.18
C ILE A 166 19.65 0.76 -6.23
N PRO A 167 20.80 0.70 -6.93
CA PRO A 167 21.03 1.68 -7.98
C PRO A 167 19.96 1.65 -9.05
N ASN A 168 19.69 2.80 -9.66
CA ASN A 168 18.72 2.88 -10.74
C ASN A 168 19.34 2.37 -12.04
N TYR A 169 18.64 2.53 -13.17
CA TYR A 169 19.13 1.99 -14.44
C TYR A 169 20.42 2.62 -14.90
N ASP A 170 20.64 3.90 -14.58
CA ASP A 170 21.86 4.60 -15.03
C ASP A 170 22.88 4.80 -13.91
N ASP A 171 22.57 4.30 -12.72
CA ASP A 171 23.52 4.27 -11.61
C ASP A 171 23.93 5.66 -11.11
N THR A 172 22.96 6.56 -11.02
CA THR A 172 23.21 7.87 -10.43
C THR A 172 22.50 7.93 -9.09
N THR A 173 21.25 7.55 -9.08
CA THR A 173 20.46 7.60 -7.86
C THR A 173 20.02 6.21 -7.36
N LEU A 174 19.30 6.17 -6.24
CA LEU A 174 18.89 4.91 -5.61
C LEU A 174 17.39 4.77 -5.58
N GLU A 175 16.91 3.54 -5.79
CA GLU A 175 15.48 3.23 -5.74
C GLU A 175 15.21 2.01 -4.87
N PRO A 176 13.95 1.82 -4.41
CA PRO A 176 13.76 0.71 -3.47
C PRO A 176 13.35 -0.59 -4.16
N MET A 177 13.87 -1.72 -3.68
CA MET A 177 13.45 -3.01 -4.22
C MET A 177 12.01 -3.35 -3.88
N VAL A 178 11.57 -2.92 -2.70
CA VAL A 178 10.24 -3.22 -2.18
C VAL A 178 9.82 -2.09 -1.26
N LEU A 179 8.50 -1.93 -1.07
CA LEU A 179 7.96 -0.89 -0.21
C LEU A 179 7.64 -1.47 1.16
N PRO A 180 7.75 -0.66 2.23
CA PRO A 180 7.36 -1.10 3.57
C PRO A 180 5.96 -1.74 3.59
N SER A 181 5.03 -1.22 2.80
CA SER A 181 3.73 -1.87 2.61
C SER A 181 3.10 -2.16 3.96
N ARG A 182 2.79 -1.08 4.67
CA ARG A 182 2.32 -1.21 6.04
C ARG A 182 0.90 -1.78 6.13
N PHE A 183 0.35 -2.21 4.99
CA PHE A 183 -0.88 -2.98 4.97
C PHE A 183 -0.80 -3.95 3.80
N PRO A 184 -1.43 -5.12 3.92
CA PRO A 184 -1.33 -6.19 2.87
C PRO A 184 -1.87 -5.84 1.48
N ASN A 185 -1.21 -4.94 0.76
CA ASN A 185 -1.69 -4.48 -0.53
C ASN A 185 -1.97 -5.56 -1.57
N LEU A 186 -1.23 -6.66 -1.50
CA LEU A 186 -1.35 -7.65 -2.57
C LEU A 186 -2.76 -8.26 -2.62
N LEU A 187 -3.25 -8.73 -1.48
CA LEU A 187 -4.61 -9.25 -1.38
C LEU A 187 -5.63 -8.14 -1.57
N VAL A 188 -5.37 -6.99 -0.96
CA VAL A 188 -6.40 -5.96 -1.02
C VAL A 188 -6.68 -5.48 -2.45
N ASN A 189 -5.65 -5.06 -3.20
CA ASN A 189 -5.85 -4.52 -4.56
C ASN A 189 -5.64 -5.57 -5.66
N GLY A 190 -5.04 -6.70 -5.30
CA GLY A 190 -4.91 -7.83 -6.21
C GLY A 190 -3.93 -7.53 -7.31
N SER A 191 -4.02 -8.29 -8.39
CA SER A 191 -3.17 -8.14 -9.55
C SER A 191 -3.61 -9.05 -10.71
N THR A 192 -3.35 -8.60 -11.94
CA THR A 192 -3.63 -9.36 -13.16
C THR A 192 -2.57 -9.05 -14.25
N GLY A 193 -2.38 -9.99 -15.20
CA GLY A 193 -1.55 -9.75 -16.40
C GLY A 193 -0.23 -10.51 -16.55
N ILE A 194 0.21 -10.65 -17.79
CA ILE A 194 1.43 -11.38 -18.13
C ILE A 194 2.62 -10.43 -18.38
N GLY A 197 6.97 -14.98 -18.66
CA GLY A 197 5.87 -15.65 -19.36
C GLY A 197 4.76 -16.17 -18.45
N TYR A 198 4.69 -15.66 -17.21
CA TYR A 198 3.65 -16.08 -16.26
C TYR A 198 2.50 -15.09 -16.09
N ALA A 199 1.32 -15.63 -15.82
CA ALA A 199 0.10 -14.85 -15.61
C ALA A 199 -0.27 -14.87 -14.12
N THR A 200 -1.08 -13.89 -13.70
CA THR A 200 -1.57 -13.81 -12.32
C THR A 200 -3.03 -13.46 -12.29
N ASP A 201 -3.77 -14.06 -11.36
CA ASP A 201 -5.10 -13.59 -11.04
C ASP A 201 -5.34 -13.60 -9.56
N ILE A 202 -5.09 -12.46 -8.93
CA ILE A 202 -5.42 -12.28 -7.53
C ILE A 202 -6.47 -11.20 -7.43
N PRO A 203 -7.70 -11.58 -7.04
CA PRO A 203 -8.80 -10.62 -6.99
C PRO A 203 -8.63 -9.72 -5.79
N PRO A 204 -9.29 -8.56 -5.79
CA PRO A 204 -9.24 -7.71 -4.62
C PRO A 204 -10.03 -8.30 -3.43
N HIS A 205 -9.70 -7.81 -2.24
CA HIS A 205 -10.27 -8.27 -0.96
C HIS A 205 -10.58 -7.08 -0.04
N ASN A 206 -11.47 -7.29 0.92
CA ASN A 206 -11.88 -6.23 1.85
C ASN A 206 -10.76 -5.90 2.83
N LEU A 207 -10.27 -4.68 2.79
CA LEU A 207 -9.17 -4.26 3.67
C LEU A 207 -9.25 -4.79 5.11
N ALA A 208 -10.39 -4.57 5.77
CA ALA A 208 -10.56 -4.97 7.17
C ALA A 208 -10.59 -6.47 7.35
N GLU A 209 -11.17 -7.17 6.39
CA GLU A 209 -11.19 -8.62 6.41
C GLU A 209 -9.75 -9.19 6.29
N VAL A 210 -8.90 -8.54 5.47
CA VAL A 210 -7.51 -9.00 5.33
C VAL A 210 -6.68 -8.73 6.58
N ILE A 211 -6.80 -7.54 7.17
CA ILE A 211 -6.07 -7.23 8.40
C ILE A 211 -6.49 -8.10 9.58
N GLN A 212 -7.79 -8.23 9.81
CA GLN A 212 -8.26 -9.04 10.92
C GLN A 212 -7.66 -10.43 10.77
N ALA A 213 -7.79 -11.03 9.58
CA ALA A 213 -7.18 -12.36 9.31
C ALA A 213 -5.66 -12.41 9.55
N THR A 214 -4.94 -11.41 9.06
CA THR A 214 -3.52 -11.30 9.37
C THR A 214 -3.32 -11.27 10.88
N LEU A 215 -4.13 -10.46 11.56
CA LEU A 215 -4.05 -10.36 13.02
C LEU A 215 -4.29 -11.70 13.69
N LYS A 216 -5.23 -12.47 13.14
CA LYS A 216 -5.54 -13.76 13.69
C LYS A 216 -4.39 -14.75 13.46
N TYR A 217 -3.71 -14.59 12.32
CA TYR A 217 -2.55 -15.40 11.98
C TYR A 217 -1.38 -15.16 12.92
N ILE A 218 -1.11 -13.90 13.24
CA ILE A 218 -0.11 -13.56 14.25
C ILE A 218 -0.34 -14.27 15.58
N ASP A 219 -1.59 -14.34 16.04
CA ASP A 219 -1.86 -15.00 17.32
C ASP A 219 -1.78 -16.52 17.20
N ASN A 220 -2.09 -17.04 16.01
CA ASN A 220 -1.98 -18.48 15.76
C ASN A 220 -1.44 -18.76 14.36
N PRO A 221 -0.10 -18.86 14.23
CA PRO A 221 0.54 -19.17 12.96
C PRO A 221 0.12 -20.51 12.36
N ASP A 222 -0.68 -21.28 13.08
CA ASP A 222 -1.12 -22.61 12.61
C ASP A 222 -2.56 -22.66 12.11
N ILE A 223 -3.26 -21.53 12.23
CA ILE A 223 -4.67 -21.39 11.86
C ILE A 223 -5.04 -21.93 10.46
N THR A 224 -6.06 -22.76 10.39
CA THR A 224 -6.48 -23.38 9.13
C THR A 224 -7.07 -22.42 8.10
N VAL A 225 -7.29 -22.93 6.90
CA VAL A 225 -7.88 -22.14 5.83
C VAL A 225 -9.34 -21.82 6.15
N ASN A 226 -10.07 -22.80 6.68
CA ASN A 226 -11.43 -22.61 7.16
C ASN A 226 -11.53 -21.53 8.23
N GLN A 227 -10.55 -21.49 9.12
CA GLN A 227 -10.60 -20.56 10.23
C GLN A 227 -10.35 -19.14 9.77
N LEU A 228 -9.45 -18.96 8.80
CA LEU A 228 -9.21 -17.64 8.22
C LEU A 228 -10.42 -17.17 7.45
N MET A 229 -11.24 -18.10 6.99
CA MET A 229 -12.42 -17.73 6.22
C MET A 229 -13.56 -17.14 7.06
N LYS A 230 -13.39 -17.15 8.39
CA LYS A 230 -14.22 -16.40 9.31
C LYS A 230 -13.94 -14.92 9.20
N TYR A 231 -12.73 -14.59 8.75
CA TYR A 231 -12.30 -13.20 8.71
C TYR A 231 -12.00 -12.71 7.29
N ILE A 232 -11.35 -13.53 6.45
CA ILE A 232 -11.32 -13.24 5.01
C ILE A 232 -12.42 -14.06 4.44
N LYS A 233 -13.54 -13.45 4.06
CA LYS A 233 -14.67 -14.28 3.61
C LYS A 233 -14.46 -14.74 2.16
N GLY A 234 -13.74 -13.93 1.40
CA GLY A 234 -13.62 -14.13 -0.04
C GLY A 234 -13.33 -12.82 -0.74
N PRO A 235 -13.27 -12.84 -2.07
CA PRO A 235 -12.91 -11.62 -2.79
C PRO A 235 -13.95 -10.55 -2.53
N ASP A 236 -13.52 -9.31 -2.37
CA ASP A 236 -14.42 -8.19 -2.28
C ASP A 236 -14.22 -7.25 -3.48
N PHE A 237 -15.02 -7.44 -4.52
CA PHE A 237 -14.84 -6.70 -5.81
C PHE A 237 -15.36 -5.26 -5.75
N PRO A 238 -14.59 -4.30 -6.28
CA PRO A 238 -14.99 -2.88 -6.23
C PRO A 238 -16.21 -2.53 -7.08
N THR A 239 -16.50 -3.37 -8.08
CA THR A 239 -17.70 -3.23 -8.89
C THR A 239 -18.85 -4.00 -8.25
N GLY A 240 -18.60 -4.54 -7.05
CA GLY A 240 -19.58 -5.29 -6.31
C GLY A 240 -20.03 -6.56 -7.01
N GLY A 241 -21.35 -6.74 -7.08
CA GLY A 241 -21.94 -7.91 -7.70
C GLY A 241 -22.12 -9.03 -6.71
N ILE A 242 -22.70 -10.14 -7.17
CA ILE A 242 -22.87 -11.36 -6.37
C ILE A 242 -21.79 -12.41 -6.70
N ILE A 243 -21.24 -13.04 -5.67
CA ILE A 243 -20.25 -14.11 -5.86
C ILE A 243 -20.87 -15.47 -5.55
N GLN A 244 -20.53 -16.47 -6.34
CA GLN A 244 -20.95 -17.84 -6.10
C GLN A 244 -19.78 -18.81 -6.20
N GLY A 245 -19.54 -19.54 -5.11
CA GLY A 245 -18.58 -20.64 -5.10
C GLY A 245 -17.79 -20.56 -3.81
N ILE A 246 -18.33 -21.12 -2.74
CA ILE A 246 -17.66 -21.05 -1.45
C ILE A 246 -16.56 -22.10 -1.44
N ASP A 247 -16.82 -23.24 -2.08
CA ASP A 247 -15.77 -24.21 -2.26
C ASP A 247 -14.64 -23.67 -3.14
N GLY A 248 -14.98 -23.03 -4.24
CA GLY A 248 -13.98 -22.37 -5.08
C GLY A 248 -13.00 -21.50 -4.31
N ILE A 249 -13.52 -20.71 -3.37
CA ILE A 249 -12.69 -19.82 -2.56
C ILE A 249 -11.75 -20.67 -1.71
N LYS A 250 -12.32 -21.66 -0.99
CA LYS A 250 -11.54 -22.65 -0.23
C LYS A 250 -10.41 -23.28 -1.04
N LYS A 251 -10.73 -23.76 -2.23
CA LYS A 251 -9.75 -24.41 -3.09
C LYS A 251 -8.66 -23.40 -3.45
N ALA A 252 -9.09 -22.20 -3.82
CA ALA A 252 -8.15 -21.13 -4.12
C ALA A 252 -7.28 -20.72 -2.92
N TYR A 253 -7.82 -20.85 -1.72
CA TYR A 253 -7.17 -20.33 -0.55
C TYR A 253 -6.14 -21.32 0.00
N GLU A 254 -6.23 -22.56 -0.48
CA GLU A 254 -5.28 -23.61 -0.12
C GLU A 254 -4.22 -23.79 -1.22
N SER A 255 -4.70 -24.06 -2.44
CA SER A 255 -3.85 -24.43 -3.56
C SER A 255 -3.43 -23.25 -4.44
N GLY A 256 -4.01 -22.07 -4.20
CA GLY A 256 -3.79 -20.89 -5.04
C GLY A 256 -4.67 -20.83 -6.28
N LYS A 257 -5.51 -21.85 -6.47
CA LYS A 257 -6.21 -22.03 -7.72
C LYS A 257 -7.63 -22.51 -7.46
N GLY A 258 -8.60 -21.72 -7.91
CA GLY A 258 -10.03 -22.04 -7.76
C GLY A 258 -10.96 -21.24 -8.65
N ARG A 259 -12.08 -21.87 -9.02
CA ARG A 259 -13.07 -21.24 -9.89
C ARG A 259 -14.26 -20.68 -9.10
N ILE A 260 -14.55 -19.40 -9.27
CA ILE A 260 -15.82 -18.85 -8.81
C ILE A 260 -16.63 -18.28 -9.95
N ILE A 261 -17.92 -18.14 -9.70
CA ILE A 261 -18.83 -17.46 -10.62
C ILE A 261 -19.13 -16.06 -10.08
N VAL A 262 -19.12 -15.07 -10.97
CA VAL A 262 -19.43 -13.70 -10.56
C VAL A 262 -20.67 -13.12 -11.28
N ARG A 263 -21.66 -12.69 -10.49
CA ARG A 263 -22.96 -12.23 -11.02
C ARG A 263 -23.16 -10.72 -10.94
N SER A 264 -23.97 -10.21 -11.85
CA SER A 264 -24.46 -8.83 -11.78
C SER A 264 -25.61 -8.69 -10.81
N LYS A 265 -25.71 -7.52 -10.18
CA LYS A 265 -26.88 -7.20 -9.38
C LYS A 265 -28.03 -6.84 -10.31
N VAL A 266 -29.10 -7.62 -10.23
CA VAL A 266 -30.23 -7.45 -11.16
C VAL A 266 -31.55 -7.56 -10.41
N GLU A 267 -32.37 -6.51 -10.52
CA GLU A 267 -33.69 -6.47 -9.88
C GLU A 267 -34.74 -6.02 -10.91
N GLU A 268 -36.01 -6.33 -10.65
CA GLU A 268 -37.11 -5.88 -11.50
C GLU A 268 -37.66 -4.54 -11.00
N GLU A 269 -38.33 -3.79 -11.88
CA GLU A 269 -38.93 -2.50 -11.54
C GLU A 269 -40.45 -2.49 -11.71
N THR A 270 -41.01 -1.28 -11.72
CA THR A 270 -42.46 -1.04 -11.85
C THR A 270 -43.13 -1.81 -12.99
N ARG A 275 -46.27 -2.96 -17.84
CA ARG A 275 -45.06 -3.44 -18.48
C ARG A 275 -43.86 -3.36 -17.51
N LYS A 276 -43.15 -4.50 -17.36
CA LYS A 276 -42.06 -4.64 -16.38
C LYS A 276 -40.63 -4.57 -16.95
N GLN A 277 -39.76 -3.88 -16.20
CA GLN A 277 -38.41 -3.52 -16.64
C GLN A 277 -37.33 -4.08 -15.69
N LEU A 278 -36.23 -4.59 -16.24
CA LEU A 278 -35.12 -5.13 -15.43
C LEU A 278 -33.89 -4.25 -15.45
N ILE A 279 -33.33 -3.98 -14.27
CA ILE A 279 -32.18 -3.09 -14.18
C ILE A 279 -30.93 -3.78 -13.63
N ILE A 280 -29.79 -3.48 -14.26
CA ILE A 280 -28.51 -4.00 -13.83
C ILE A 280 -27.80 -2.90 -13.05
N THR A 281 -27.66 -3.09 -11.75
CA THR A 281 -27.10 -2.07 -10.88
C THR A 281 -25.59 -2.22 -10.78
N GLU A 282 -25.13 -3.46 -10.74
CA GLU A 282 -23.71 -3.77 -10.59
C GLU A 282 -23.35 -4.84 -11.58
N ILE A 283 -22.13 -4.75 -12.11
CA ILE A 283 -21.63 -5.73 -13.09
C ILE A 283 -20.36 -6.43 -12.59
N PRO A 284 -20.02 -7.60 -13.16
CA PRO A 284 -18.82 -8.33 -12.76
C PRO A 284 -17.50 -7.59 -12.99
N TYR A 285 -16.47 -8.01 -12.25
CA TYR A 285 -15.16 -7.39 -12.26
C TYR A 285 -14.43 -7.56 -13.59
N GLU A 286 -13.78 -6.48 -14.03
CA GLU A 286 -12.99 -6.44 -15.29
C GLU A 286 -13.87 -6.29 -16.53
N VAL A 287 -15.13 -6.72 -16.44
CA VAL A 287 -16.10 -6.57 -17.55
C VAL A 287 -16.34 -5.12 -17.99
N ASN A 288 -16.44 -4.96 -19.31
CA ASN A 288 -16.60 -3.66 -19.95
C ASN A 288 -18.08 -3.32 -20.22
N LYS A 289 -18.57 -2.28 -19.57
CA LYS A 289 -19.98 -1.91 -19.62
C LYS A 289 -20.48 -1.78 -21.05
N SER A 290 -19.93 -0.81 -21.78
CA SER A 290 -20.33 -0.55 -23.18
C SER A 290 -20.26 -1.82 -24.04
N SER A 291 -19.25 -2.64 -23.77
CA SER A 291 -19.08 -3.93 -24.43
C SER A 291 -20.23 -4.87 -24.09
N LEU A 292 -20.69 -4.81 -22.84
CA LEU A 292 -21.80 -5.64 -22.37
C LEU A 292 -23.13 -5.13 -22.88
N VAL A 293 -23.31 -3.81 -22.91
CA VAL A 293 -24.51 -3.18 -23.43
C VAL A 293 -24.69 -3.68 -24.86
N LYS A 294 -23.63 -3.54 -25.65
CA LYS A 294 -23.66 -3.90 -27.07
C LYS A 294 -23.92 -5.39 -27.33
N ARG A 295 -23.57 -6.24 -26.36
CA ARG A 295 -23.89 -7.68 -26.42
C ARG A 295 -25.38 -7.93 -26.18
N ILE A 296 -25.92 -7.35 -25.13
CA ILE A 296 -27.35 -7.45 -24.82
C ILE A 296 -28.18 -6.87 -25.98
N ASP A 297 -27.63 -5.84 -26.62
CA ASP A 297 -28.24 -5.17 -27.77
C ASP A 297 -28.53 -6.13 -28.92
N GLU A 298 -27.55 -6.96 -29.25
CA GLU A 298 -27.59 -7.81 -30.45
C GLU A 298 -28.57 -8.98 -30.37
N LEU A 299 -28.62 -9.63 -29.21
CA LEU A 299 -29.53 -10.74 -28.98
C LEU A 299 -31.00 -10.31 -29.05
N ARG A 300 -31.28 -9.12 -28.50
CA ARG A 300 -32.59 -8.48 -28.63
C ARG A 300 -32.95 -8.34 -30.11
N ALA A 301 -32.00 -7.86 -30.90
CA ALA A 301 -32.16 -7.67 -32.33
C ALA A 301 -32.35 -9.00 -33.06
N ASP A 302 -31.59 -10.02 -32.65
CA ASP A 302 -31.56 -11.31 -33.34
C ASP A 302 -32.66 -12.30 -32.90
N LYS A 303 -33.48 -11.88 -31.94
CA LYS A 303 -34.59 -12.68 -31.40
C LYS A 303 -34.15 -14.02 -30.78
N LYS A 304 -32.89 -14.08 -30.36
CA LYS A 304 -32.37 -15.16 -29.54
C LYS A 304 -33.00 -15.14 -28.13
N VAL A 305 -33.80 -14.10 -27.84
CA VAL A 305 -34.45 -13.94 -26.55
C VAL A 305 -35.97 -13.95 -26.68
N ASP A 306 -36.52 -12.89 -27.28
CA ASP A 306 -37.97 -12.69 -27.43
C ASP A 306 -38.71 -12.75 -26.09
N GLU A 310 -35.06 -0.60 -26.18
CA GLU A 310 -35.04 -1.97 -25.70
C GLU A 310 -33.92 -2.17 -24.69
N VAL A 311 -32.71 -1.74 -25.02
CA VAL A 311 -31.54 -1.85 -24.13
C VAL A 311 -30.88 -0.48 -23.98
N ARG A 312 -31.13 0.20 -22.87
CA ARG A 312 -30.59 1.54 -22.68
C ARG A 312 -29.55 1.59 -21.59
N ASP A 313 -28.46 2.30 -21.85
CA ASP A 313 -27.43 2.51 -20.84
C ASP A 313 -27.78 3.79 -20.11
N GLU A 314 -28.52 3.64 -19.00
CA GLU A 314 -29.01 4.79 -18.25
C GLU A 314 -28.00 5.24 -17.20
N THR A 315 -26.77 4.77 -17.35
CA THR A 315 -25.67 5.22 -16.50
C THR A 315 -25.48 6.73 -16.64
N ASP A 316 -25.39 7.39 -15.49
CA ASP A 316 -24.89 8.75 -15.38
C ASP A 316 -23.91 8.78 -14.22
N ARG A 317 -23.35 9.94 -13.92
CA ARG A 317 -22.26 10.06 -12.95
C ARG A 317 -22.62 9.65 -11.52
N THR A 318 -23.90 9.37 -11.29
CA THR A 318 -24.41 8.93 -9.98
C THR A 318 -23.92 7.54 -9.62
N GLY A 319 -24.30 6.55 -10.44
CA GLY A 319 -23.87 5.17 -10.30
C GLY A 319 -24.19 4.45 -11.61
N LEU A 320 -23.82 3.18 -11.68
CA LEU A 320 -24.12 2.36 -12.85
C LEU A 320 -25.60 1.95 -12.85
N ARG A 321 -26.21 2.00 -14.02
CA ARG A 321 -27.59 1.62 -14.22
C ARG A 321 -27.83 1.25 -15.68
N ILE A 322 -28.12 -0.03 -15.92
CA ILE A 322 -28.50 -0.49 -17.26
C ILE A 322 -29.94 -1.01 -17.28
N ALA A 323 -30.77 -0.39 -18.11
CA ALA A 323 -32.20 -0.73 -18.19
C ALA A 323 -32.56 -1.60 -19.38
N ILE A 324 -33.31 -2.65 -19.12
CA ILE A 324 -33.86 -3.48 -20.17
C ILE A 324 -35.36 -3.74 -19.96
N GLU A 325 -36.15 -3.58 -21.03
CA GLU A 325 -37.59 -3.86 -21.00
C GLU A 325 -38.01 -4.66 -22.24
N LEU A 326 -39.05 -5.48 -22.07
CA LEU A 326 -39.67 -6.24 -23.17
C LEU A 326 -41.15 -6.51 -22.88
N GLU A 333 -35.47 -14.93 -13.13
CA GLU A 333 -36.41 -15.64 -13.98
C GLU A 333 -35.77 -16.11 -15.29
N SER A 334 -36.58 -16.75 -16.13
CA SER A 334 -36.09 -17.42 -17.35
C SER A 334 -35.20 -16.55 -18.25
N ILE A 335 -35.55 -15.29 -18.41
CA ILE A 335 -34.80 -14.37 -19.26
C ILE A 335 -33.53 -13.87 -18.57
N LYS A 336 -33.60 -13.73 -17.24
CA LYS A 336 -32.46 -13.38 -16.44
C LYS A 336 -31.50 -14.58 -16.45
N ASN A 337 -32.05 -15.78 -16.33
CA ASN A 337 -31.28 -17.02 -16.40
C ASN A 337 -30.72 -17.34 -17.78
N TYR A 338 -31.30 -16.76 -18.82
CA TYR A 338 -30.79 -16.97 -20.17
C TYR A 338 -29.59 -16.07 -20.44
N LEU A 339 -29.69 -14.84 -19.97
CA LEU A 339 -28.75 -13.79 -20.32
C LEU A 339 -27.42 -14.04 -19.62
N TYR A 340 -27.53 -14.51 -18.38
CA TYR A 340 -26.38 -15.00 -17.61
C TYR A 340 -25.42 -15.86 -18.44
N LYS A 341 -25.99 -16.75 -19.26
CA LYS A 341 -25.21 -17.76 -20.00
C LYS A 341 -24.49 -17.21 -21.23
N ASN A 342 -25.25 -16.86 -22.27
CA ASN A 342 -24.70 -16.33 -23.53
C ASN A 342 -24.14 -14.89 -23.45
N SER A 343 -23.64 -14.50 -22.28
CA SER A 343 -23.02 -13.19 -22.11
C SER A 343 -22.19 -13.07 -20.84
N ASP A 344 -21.56 -11.90 -20.68
CA ASP A 344 -20.80 -11.60 -19.48
C ASP A 344 -21.64 -10.86 -18.43
N LEU A 345 -22.94 -11.16 -18.39
CA LEU A 345 -23.81 -10.68 -17.31
C LEU A 345 -23.52 -11.53 -16.10
N GLN A 346 -23.27 -12.81 -16.36
CA GLN A 346 -22.63 -13.69 -15.42
C GLN A 346 -21.26 -14.07 -16.01
N ILE A 347 -20.24 -14.05 -15.16
CA ILE A 347 -18.87 -14.32 -15.57
C ILE A 347 -18.30 -15.34 -14.60
N SER A 348 -17.26 -16.06 -15.02
CA SER A 348 -16.49 -16.86 -14.07
C SER A 348 -15.11 -16.26 -13.87
N TYR A 349 -14.64 -16.33 -12.64
CA TYR A 349 -13.32 -15.88 -12.26
C TYR A 349 -12.53 -17.09 -11.79
N ASN A 350 -11.26 -17.17 -12.19
CA ASN A 350 -10.36 -18.26 -11.73
C ASN A 350 -9.12 -17.73 -11.07
N PHE A 351 -8.97 -17.96 -9.77
CA PHE A 351 -7.77 -17.55 -9.05
C PHE A 351 -6.53 -18.18 -9.69
N ASN A 352 -5.50 -17.36 -9.89
CA ASN A 352 -4.18 -17.88 -10.22
C ASN A 352 -3.19 -17.07 -9.42
N MET A 353 -3.10 -17.42 -8.16
CA MET A 353 -2.39 -16.58 -7.24
C MET A 353 -0.89 -16.82 -7.30
N VAL A 354 -0.25 -16.06 -8.18
CA VAL A 354 1.20 -16.11 -8.37
C VAL A 354 1.82 -14.72 -8.07
N ALA A 355 2.88 -14.70 -7.27
CA ALA A 355 3.63 -13.47 -6.97
C ALA A 355 5.11 -13.80 -6.73
N ILE A 356 5.92 -12.79 -6.44
CA ILE A 356 7.36 -12.97 -6.34
C ILE A 356 7.81 -13.11 -4.90
N SER A 357 8.08 -14.36 -4.52
CA SER A 357 8.68 -14.66 -3.24
C SER A 357 10.11 -15.12 -3.42
N ASP A 358 11.00 -14.54 -2.61
CA ASP A 358 12.38 -15.01 -2.50
C ASP A 358 13.08 -15.10 -3.85
N GLY A 359 12.75 -14.19 -4.77
CA GLY A 359 13.43 -14.12 -6.05
C GLY A 359 12.68 -14.69 -7.24
N ARG A 360 11.93 -15.77 -7.04
CA ARG A 360 11.20 -16.38 -8.15
C ARG A 360 9.68 -16.31 -8.00
N PRO A 361 8.96 -16.48 -9.12
CA PRO A 361 7.51 -16.70 -9.19
C PRO A 361 7.03 -17.93 -8.42
N LYS A 362 6.18 -17.73 -7.43
CA LYS A 362 5.69 -18.81 -6.57
C LYS A 362 4.14 -18.76 -6.51
N LEU A 363 3.48 -19.82 -6.98
CA LEU A 363 2.03 -20.03 -6.80
C LEU A 363 1.77 -20.38 -5.35
N MET A 364 0.87 -19.64 -4.70
CA MET A 364 0.69 -19.78 -3.26
C MET A 364 -0.71 -19.52 -2.76
N GLY A 365 -1.10 -20.25 -1.72
CA GLY A 365 -2.41 -20.11 -1.13
C GLY A 365 -2.35 -19.02 -0.08
N ILE A 366 -3.43 -18.89 0.69
CA ILE A 366 -3.60 -17.72 1.56
C ILE A 366 -2.61 -17.60 2.72
N ARG A 367 -2.22 -18.73 3.31
CA ARG A 367 -1.33 -18.69 4.45
C ARG A 367 0.13 -18.45 4.11
N GLN A 368 0.53 -18.81 2.89
CA GLN A 368 1.89 -18.49 2.46
C GLN A 368 1.98 -16.98 2.24
N ILE A 369 0.95 -16.44 1.61
CA ILE A 369 0.86 -15.00 1.40
C ILE A 369 0.79 -14.23 2.73
N ILE A 370 -0.05 -14.67 3.68
CA ILE A 370 -0.07 -13.93 4.95
C ILE A 370 1.30 -14.09 5.62
N ASP A 371 1.84 -15.29 5.53
CA ASP A 371 3.16 -15.59 6.08
C ASP A 371 4.24 -14.69 5.47
N SER A 372 4.22 -14.56 4.14
CA SER A 372 5.22 -13.76 3.48
C SER A 372 5.11 -12.31 3.91
N TYR A 373 3.89 -11.75 3.90
CA TYR A 373 3.63 -10.41 4.40
C TYR A 373 4.12 -10.20 5.83
N LEU A 374 3.81 -11.16 6.70
CA LEU A 374 4.24 -11.07 8.09
C LEU A 374 5.78 -11.02 8.19
N ASN A 375 6.46 -11.91 7.48
CA ASN A 375 7.91 -11.88 7.50
C ASN A 375 8.44 -10.52 7.07
N HIS A 376 7.87 -9.98 6.02
CA HIS A 376 8.14 -8.63 5.57
C HIS A 376 7.95 -7.57 6.66
N GLN A 377 6.80 -7.60 7.36
CA GLN A 377 6.54 -6.66 8.45
C GLN A 377 7.56 -6.79 9.55
N ILE A 378 7.80 -8.02 10.01
CA ILE A 378 8.84 -8.26 10.99
C ILE A 378 10.16 -7.63 10.53
N GLU A 379 10.53 -7.85 9.27
CA GLU A 379 11.79 -7.30 8.78
C GLU A 379 11.71 -5.78 8.90
N VAL A 380 10.67 -5.19 8.30
CA VAL A 380 10.47 -3.74 8.33
C VAL A 380 10.56 -3.19 9.75
N VAL A 381 9.73 -3.71 10.64
CA VAL A 381 9.59 -3.12 11.96
C VAL A 381 10.87 -3.26 12.75
N ALA A 382 11.52 -4.43 12.69
CA ALA A 382 12.84 -4.63 13.30
C ALA A 382 13.86 -3.66 12.73
N ASN A 383 13.80 -3.39 11.43
CA ASN A 383 14.74 -2.45 10.82
C ASN A 383 14.45 -1.01 11.21
N ARG A 384 13.16 -0.66 11.33
CA ARG A 384 12.76 0.68 11.79
C ARG A 384 13.21 0.90 13.23
N THR A 385 12.99 -0.10 14.06
CA THR A 385 13.32 -0.02 15.48
C THR A 385 14.82 0.15 15.68
N LYS A 386 15.61 -0.58 14.89
CA LYS A 386 17.07 -0.48 14.97
C LYS A 386 17.54 0.88 14.51
N PHE A 387 16.87 1.41 13.47
CA PHE A 387 17.14 2.75 12.98
C PHE A 387 16.85 3.77 14.06
N GLU A 388 15.69 3.66 14.68
CA GLU A 388 15.28 4.65 15.68
C GLU A 388 16.12 4.52 16.95
N LEU A 389 16.66 3.33 17.19
CA LEU A 389 17.50 3.09 18.37
C LEU A 389 18.90 3.67 18.17
N ASP A 390 19.49 3.42 17.01
CA ASP A 390 20.82 3.94 16.70
C ASP A 390 20.81 5.45 16.82
N ASN A 391 19.81 6.10 16.25
CA ASN A 391 19.65 7.57 16.38
C ASN A 391 19.48 8.03 17.83
N ALA A 392 18.58 7.37 18.56
CA ALA A 392 18.42 7.66 19.96
C ALA A 392 19.70 7.39 20.74
N GLU A 393 20.50 6.41 20.31
CA GLU A 393 21.80 6.16 20.96
C GLU A 393 22.75 7.31 20.66
N LYS A 394 22.88 7.63 19.37
CA LYS A 394 23.80 8.66 18.91
C LYS A 394 23.50 10.04 19.49
N ARG A 395 22.22 10.34 19.71
CA ARG A 395 21.85 11.66 20.21
C ARG A 395 22.11 11.82 21.70
N MET A 396 21.68 10.85 22.49
CA MET A 396 21.93 10.90 23.95
C MET A 396 23.41 11.10 24.24
N HIS A 397 24.25 10.58 23.35
CA HIS A 397 25.70 10.76 23.45
C HIS A 397 26.07 12.24 23.34
N ILE A 398 25.48 12.92 22.35
CA ILE A 398 25.62 14.36 22.21
C ILE A 398 25.18 15.04 23.50
N VAL A 399 23.97 14.72 23.93
CA VAL A 399 23.41 15.27 25.17
C VAL A 399 24.33 15.04 26.36
N GLU A 400 24.78 13.80 26.58
CA GLU A 400 25.70 13.50 27.67
C GLU A 400 26.89 14.44 27.59
N GLY A 401 27.43 14.59 26.38
CA GLY A 401 28.50 15.54 26.13
C GLY A 401 28.14 16.96 26.50
N LEU A 402 26.99 17.43 26.01
CA LEU A 402 26.57 18.81 26.18
C LEU A 402 26.38 19.23 27.63
N ILE A 403 25.72 18.39 28.42
CA ILE A 403 25.48 18.68 29.83
C ILE A 403 26.82 18.75 30.54
N LYS A 404 27.71 17.84 30.17
CA LYS A 404 29.05 17.79 30.71
C LYS A 404 29.82 19.07 30.36
N ALA A 405 29.66 19.54 29.12
CA ALA A 405 30.36 20.74 28.68
C ALA A 405 29.68 22.01 29.18
N LEU A 406 28.38 21.94 29.41
CA LEU A 406 27.63 23.07 29.97
C LEU A 406 28.13 23.44 31.36
N SER A 407 28.57 22.43 32.09
CA SER A 407 29.10 22.61 33.44
C SER A 407 30.51 23.22 33.46
N ILE A 408 31.32 22.88 32.46
CA ILE A 408 32.67 23.44 32.36
C ILE A 408 32.69 24.63 31.39
N LEU A 409 31.49 25.08 31.00
CA LEU A 409 31.28 26.16 30.03
C LEU A 409 32.40 27.19 29.95
N ASP A 410 32.69 27.86 31.06
CA ASP A 410 33.65 28.96 31.05
C ASP A 410 35.04 28.50 30.62
N LYS A 411 35.46 27.35 31.14
CA LYS A 411 36.73 26.74 30.76
C LYS A 411 36.72 26.41 29.28
N VAL A 412 35.59 25.89 28.82
CA VAL A 412 35.41 25.45 27.43
C VAL A 412 35.67 26.58 26.44
N ILE A 413 35.00 27.71 26.66
CA ILE A 413 35.12 28.87 25.78
C ILE A 413 36.55 29.41 25.75
N GLU A 414 37.19 29.50 26.92
CA GLU A 414 38.57 29.94 26.99
C GLU A 414 39.46 28.94 26.27
N LEU A 415 39.15 27.66 26.41
CA LEU A 415 39.92 26.60 25.77
C LEU A 415 39.82 26.65 24.24
N ILE A 416 38.66 27.04 23.73
CA ILE A 416 38.45 27.15 22.28
C ILE A 416 39.27 28.30 21.72
N ARG A 417 39.27 29.43 22.42
CA ARG A 417 40.04 30.59 22.00
C ARG A 417 41.54 30.28 22.01
N SER A 418 41.97 29.42 22.95
CA SER A 418 43.36 29.01 23.08
C SER A 418 43.87 28.27 21.84
N SER A 419 43.01 27.47 21.23
CA SER A 419 43.36 26.68 20.05
C SER A 419 43.26 27.49 18.76
N LYS A 420 44.06 27.12 17.75
CA LYS A 420 44.23 27.90 16.52
C LYS A 420 43.32 27.51 15.35
N ASN A 421 43.07 26.20 15.19
CA ASN A 421 42.32 25.68 14.06
C ASN A 421 41.02 25.05 14.54
N LYS A 422 40.16 24.67 13.59
CA LYS A 422 38.94 23.92 13.90
C LYS A 422 39.32 22.57 14.50
N ARG A 423 40.12 21.81 13.77
CA ARG A 423 40.51 20.46 14.19
C ARG A 423 41.39 20.47 15.43
N ASP A 424 42.13 21.56 15.61
CA ASP A 424 42.86 21.79 16.85
C ASP A 424 41.90 21.80 18.03
N ALA A 425 40.89 22.66 17.94
CA ALA A 425 39.87 22.79 19.00
C ALA A 425 39.22 21.45 19.33
N LYS A 426 38.95 20.65 18.31
CA LYS A 426 38.40 19.32 18.53
C LYS A 426 39.37 18.42 19.27
N GLU A 427 40.64 18.43 18.88
CA GLU A 427 41.67 17.64 19.55
C GLU A 427 41.91 18.11 20.96
N ASN A 428 42.12 19.41 21.12
CA ASN A 428 42.34 20.01 22.43
C ASN A 428 41.10 19.89 23.32
N LEU A 429 40.00 19.43 22.76
CA LEU A 429 38.84 19.08 23.56
C LEU A 429 38.94 17.63 24.00
N ILE A 430 39.12 16.72 23.05
CA ILE A 430 39.22 15.28 23.34
C ILE A 430 40.47 14.89 24.13
N GLU A 431 41.58 15.58 23.90
CA GLU A 431 42.84 15.22 24.57
C GLU A 431 43.01 15.86 25.95
N VAL A 432 42.22 16.90 26.25
CA VAL A 432 42.26 17.53 27.56
C VAL A 432 41.17 16.97 28.48
N TYR A 433 39.92 17.10 28.04
CA TYR A 433 38.78 16.56 28.80
C TYR A 433 38.27 15.30 28.12
N GLU A 434 37.54 14.46 28.87
CA GLU A 434 37.10 13.17 28.37
C GLU A 434 35.93 13.28 27.37
N PHE A 435 36.19 13.91 26.22
CA PHE A 435 35.22 14.02 25.13
C PHE A 435 35.58 13.08 23.98
N THR A 436 34.61 12.79 23.11
CA THR A 436 34.86 12.00 21.90
C THR A 436 34.71 12.90 20.69
N GLU A 437 35.13 12.40 19.53
CA GLU A 437 34.98 13.11 18.26
C GLU A 437 33.53 13.56 18.08
N GLU A 438 32.62 12.59 18.11
CA GLU A 438 31.20 12.84 17.94
C GLU A 438 30.70 13.99 18.80
N GLN A 439 31.10 14.01 20.06
CA GLN A 439 30.65 15.08 20.95
C GLN A 439 31.48 16.34 20.83
N ALA A 440 32.76 16.20 20.49
CA ALA A 440 33.62 17.37 20.28
C ALA A 440 33.10 18.22 19.11
N GLU A 441 32.75 17.53 18.02
CA GLU A 441 32.18 18.16 16.85
C GLU A 441 30.90 18.93 17.20
N ALA A 442 29.99 18.30 17.93
CA ALA A 442 28.71 18.92 18.29
C ALA A 442 28.86 20.22 19.07
N ILE A 443 29.86 20.26 19.94
CA ILE A 443 30.05 21.39 20.85
C ILE A 443 30.62 22.60 20.10
N VAL A 444 31.65 22.38 19.30
CA VAL A 444 32.25 23.46 18.52
C VAL A 444 31.28 24.02 17.47
N MET A 445 30.20 23.27 17.23
CA MET A 445 29.22 23.65 16.21
C MET A 445 28.01 24.39 16.77
N LEU A 446 27.97 24.53 18.09
CA LEU A 446 26.87 25.25 18.74
C LEU A 446 26.86 26.73 18.36
N GLN A 447 25.73 27.19 17.86
CA GLN A 447 25.55 28.61 17.62
C GLN A 447 25.47 29.30 18.98
N LEU A 448 25.88 30.55 19.04
CA LEU A 448 25.95 31.28 20.31
C LEU A 448 24.64 31.39 21.05
N TYR A 449 23.51 31.40 20.32
CA TYR A 449 22.20 31.47 20.95
C TYR A 449 21.87 30.22 21.75
N ARG A 450 22.48 29.09 21.40
CA ARG A 450 22.30 27.85 22.15
C ARG A 450 22.89 27.91 23.56
N LEU A 451 23.45 29.06 23.93
CA LEU A 451 23.99 29.29 25.28
C LEU A 451 22.98 30.00 26.17
N THR A 452 21.77 30.22 25.67
CA THR A 452 20.71 30.88 26.43
C THR A 452 20.03 29.92 27.41
N ASN A 453 19.19 30.47 28.28
CA ASN A 453 18.53 29.73 29.35
C ASN A 453 17.60 28.62 28.87
N THR A 454 16.68 28.96 27.97
CA THR A 454 15.75 27.97 27.41
C THR A 454 16.54 26.78 26.88
N ASP A 455 17.68 27.07 26.24
CA ASP A 455 18.50 26.04 25.62
C ASP A 455 19.42 25.32 26.62
N ILE A 456 19.95 26.05 27.60
CA ILE A 456 20.82 25.47 28.63
C ILE A 456 20.04 24.57 29.61
N VAL A 457 18.75 24.35 29.32
CA VAL A 457 17.83 23.65 30.21
C VAL A 457 16.96 22.62 29.46
N ALA A 458 16.61 22.92 28.20
CA ALA A 458 15.86 21.99 27.35
C ALA A 458 16.72 20.82 26.87
N LEU A 459 18.04 21.00 26.96
CA LEU A 459 19.00 19.94 26.63
C LEU A 459 19.21 19.01 27.84
N GLU A 460 18.84 19.48 29.02
CA GLU A 460 18.95 18.70 30.26
C GLU A 460 17.74 17.77 30.42
N GLY A 461 16.59 18.23 29.96
CA GLY A 461 15.33 17.50 30.11
C GLY A 461 15.15 16.33 29.18
N GLU A 462 15.48 16.52 27.90
CA GLU A 462 15.33 15.49 26.87
C GLU A 462 16.10 14.19 27.17
N HIS A 463 17.03 14.24 28.13
CA HIS A 463 17.75 13.06 28.61
C HIS A 463 16.79 12.05 29.20
N LYS A 464 15.82 12.55 29.98
CA LYS A 464 14.73 11.77 30.55
C LYS A 464 13.93 11.06 29.45
N GLU A 465 13.51 11.83 28.44
CA GLU A 465 12.75 11.30 27.29
C GLU A 465 13.55 10.31 26.43
N LEU A 466 14.87 10.28 26.61
CA LEU A 466 15.74 9.41 25.83
C LEU A 466 16.01 8.09 26.52
N GLU A 467 16.40 8.13 27.79
CA GLU A 467 16.53 6.91 28.57
C GLU A 467 15.21 6.15 28.56
N ALA A 468 14.14 6.90 28.28
CA ALA A 468 12.81 6.33 28.19
C ALA A 468 12.64 5.58 26.88
N LEU A 469 13.12 6.19 25.81
CA LEU A 469 12.96 5.62 24.48
C LEU A 469 13.87 4.42 24.28
N ILE A 470 15.09 4.51 24.82
CA ILE A 470 16.06 3.43 24.75
C ILE A 470 15.46 2.17 25.34
N LYS A 471 15.03 2.26 26.60
CA LYS A 471 14.45 1.13 27.31
C LYS A 471 13.24 0.57 26.57
N GLN A 472 12.46 1.46 25.96
CA GLN A 472 11.27 1.09 25.19
C GLN A 472 11.70 0.32 23.95
N LEU A 473 12.56 0.95 23.15
CA LEU A 473 12.95 0.42 21.85
C LEU A 473 13.80 -0.84 21.96
N ARG A 474 14.74 -0.84 22.90
CA ARG A 474 15.58 -1.98 23.14
C ARG A 474 14.72 -3.19 23.46
N HIS A 475 13.65 -2.97 24.24
CA HIS A 475 12.70 -4.03 24.59
C HIS A 475 12.02 -4.59 23.33
N ILE A 476 11.77 -3.73 22.35
CA ILE A 476 11.15 -4.21 21.10
C ILE A 476 12.08 -5.15 20.31
N LEU A 477 13.39 -4.96 20.47
CA LEU A 477 14.35 -5.78 19.76
C LEU A 477 14.65 -7.06 20.51
N ASP A 478 14.79 -6.95 21.83
CA ASP A 478 15.20 -8.05 22.67
C ASP A 478 14.08 -9.09 22.86
N ASN A 479 12.84 -8.72 22.53
CA ASN A 479 11.66 -9.54 22.85
C ASN A 479 10.77 -9.65 21.63
N HIS A 480 10.64 -10.86 21.10
CA HIS A 480 9.94 -11.03 19.83
C HIS A 480 8.44 -10.72 19.94
N ASP A 481 7.82 -11.11 21.05
CA ASP A 481 6.41 -10.81 21.27
C ASP A 481 6.10 -9.31 21.26
N ALA A 482 6.86 -8.56 22.05
CA ALA A 482 6.75 -7.11 22.06
C ALA A 482 6.74 -6.53 20.66
N LEU A 483 7.67 -6.98 19.81
CA LEU A 483 7.71 -6.56 18.41
C LEU A 483 6.42 -6.87 17.66
N LEU A 484 5.94 -8.12 17.76
CA LEU A 484 4.71 -8.52 17.08
C LEU A 484 3.51 -7.71 17.55
N ASN A 485 3.47 -7.37 18.85
CA ASN A 485 2.49 -6.43 19.39
C ASN A 485 2.55 -5.07 18.67
N VAL A 486 3.75 -4.52 18.50
CA VAL A 486 3.90 -3.31 17.69
C VAL A 486 3.23 -3.51 16.35
N ILE A 487 3.48 -4.63 15.69
CA ILE A 487 2.87 -4.83 14.38
C ILE A 487 1.37 -4.87 14.51
N LYS A 488 0.89 -5.62 15.52
CA LYS A 488 -0.55 -5.76 15.78
C LYS A 488 -1.26 -4.42 16.03
N GLU A 489 -0.65 -3.52 16.81
CA GLU A 489 -1.25 -2.20 17.09
C GLU A 489 -1.35 -1.39 15.82
N GLU A 490 -0.28 -1.39 15.05
CA GLU A 490 -0.21 -0.51 13.90
C GLU A 490 -1.15 -1.00 12.82
N LEU A 491 -1.19 -2.32 12.62
CA LEU A 491 -2.13 -2.91 11.66
C LEU A 491 -3.56 -2.58 12.04
N ASN A 492 -3.82 -2.58 13.34
CA ASN A 492 -5.16 -2.43 13.88
C ASN A 492 -5.73 -1.02 13.66
N GLU A 493 -4.96 -0.01 14.05
CA GLU A 493 -5.32 1.38 13.82
C GLU A 493 -5.54 1.67 12.35
N ILE A 494 -4.77 1.00 11.48
CA ILE A 494 -4.97 1.17 10.05
C ILE A 494 -6.33 0.68 9.68
N LYS A 495 -6.74 -0.46 10.24
CA LYS A 495 -8.02 -1.03 9.84
C LYS A 495 -9.21 -0.22 10.33
N LYS A 496 -9.08 0.37 11.51
CA LYS A 496 -10.10 1.26 12.08
C LYS A 496 -10.22 2.53 11.25
N LYS A 497 -9.09 3.13 10.92
CA LYS A 497 -9.09 4.42 10.25
C LYS A 497 -9.56 4.26 8.81
N PHE A 498 -9.33 3.09 8.21
CA PHE A 498 -9.69 2.92 6.80
C PHE A 498 -10.77 1.90 6.49
N LYS A 499 -11.42 1.37 7.53
CA LYS A 499 -12.45 0.36 7.37
C LYS A 499 -13.50 0.77 6.34
N SER A 500 -13.83 -0.17 5.45
CA SER A 500 -14.86 0.05 4.44
C SER A 500 -15.75 -1.19 4.31
N GLU A 501 -17.04 -0.99 4.04
CA GLU A 501 -18.00 -2.08 4.03
C GLU A 501 -17.91 -2.98 2.79
N ARG A 502 -18.32 -4.23 2.94
CA ARG A 502 -18.19 -5.22 1.88
C ARG A 502 -19.11 -4.88 0.72
N LEU A 503 -18.56 -4.83 -0.49
CA LEU A 503 -19.35 -4.57 -1.68
C LEU A 503 -19.79 -5.84 -2.37
N SER A 504 -19.32 -6.99 -1.93
CA SER A 504 -19.63 -8.23 -2.65
C SER A 504 -20.44 -9.16 -1.79
N LEU A 505 -21.54 -9.65 -2.33
CA LEU A 505 -22.34 -10.60 -1.60
C LEU A 505 -21.75 -11.98 -1.90
N ILE A 506 -21.67 -12.83 -0.88
CA ILE A 506 -21.18 -14.18 -1.08
C ILE A 506 -22.28 -15.22 -0.81
N GLU A 507 -22.63 -15.99 -1.83
CA GLU A 507 -23.48 -17.16 -1.65
C GLU A 507 -22.74 -18.48 -1.94
N ALA A 508 -23.07 -19.52 -1.17
CA ALA A 508 -22.27 -20.73 -1.12
C ALA A 508 -22.23 -21.49 -2.44
N GLU A 509 -23.39 -21.96 -2.88
CA GLU A 509 -23.48 -22.83 -4.06
C GLU A 509 -23.48 -22.06 -5.37
N ILE A 510 -23.06 -22.72 -6.44
CA ILE A 510 -23.14 -22.16 -7.77
C ILE A 510 -24.42 -22.66 -8.45
N GLU A 511 -25.16 -21.73 -9.06
CA GLU A 511 -26.38 -22.06 -9.80
C GLU A 511 -26.08 -22.54 -11.22
N GLU A 512 -26.99 -23.31 -11.81
CA GLU A 512 -26.74 -23.93 -13.12
C GLU A 512 -27.58 -23.33 -14.23
C1 EDO B . 17.58 -3.69 5.71
O1 EDO B . 18.31 -2.49 5.39
C2 EDO B . 17.24 -4.49 4.45
O2 EDO B . 16.59 -5.75 4.76
C1 EDO C . -21.02 0.27 -6.28
O1 EDO C . -20.68 -0.74 -5.33
C2 EDO C . -20.70 -0.25 -7.69
O2 EDO C . -21.92 -0.40 -8.44
C1 EDO D . -0.08 -23.03 0.04
O1 EDO D . 0.81 -22.63 -1.01
C2 EDO D . 0.30 -22.30 1.32
O2 EDO D . -0.73 -21.39 1.73
C1 EDO E . -10.19 11.70 0.01
O1 EDO E . -10.73 11.71 -1.32
C2 EDO E . -10.71 10.50 0.80
O2 EDO E . -9.82 10.20 1.89
C1 EDO F . 1.79 -11.60 19.81
O1 EDO F . 2.05 -11.65 21.22
C2 EDO F . 1.06 -12.86 19.39
O2 EDO F . -0.36 -12.64 19.50
#